data_8ABD
#
_entry.id   8ABD
#
loop_
_entity.id
_entity.type
_entity.pdbx_description
1 polymer 'DNA (36-MER)'
2 non-polymer N2,N9-bis(1-methylquinolin-3-yl)-1,10-phenanthroline-2,9-dicarboxamide
#
_entity_poly.entity_id   1
_entity_poly.type   'polydeoxyribonucleotide'
_entity_poly.pdbx_seq_one_letter_code
;(THM)(DT)(DA)(DG)(DG)(DT)(DG)(DG)(DG)(DT)(DA)(DG)(DG)(DG)(DT)(DG)(DG)(DG)(DC)
(DT)(DA)(DG)(DT)(DC)(DA)(DT)(DT)(DT)(DT)(DG)(DA)(DC)(DT)(DA)(DG)(DG)
;
_entity_poly.pdbx_strand_id   A
#
loop_
_chem_comp.id
_chem_comp.type
_chem_comp.name
_chem_comp.formula
DA DNA linking 2'-DEOXYADENOSINE-5'-MONOPHOSPHATE 'C10 H14 N5 O6 P'
DC DNA linking 2'-DEOXYCYTIDINE-5'-MONOPHOSPHATE 'C9 H14 N3 O7 P'
DG DNA linking 2'-DEOXYGUANOSINE-5'-MONOPHOSPHATE 'C10 H14 N5 O7 P'
DT DNA linking THYMIDINE-5'-MONOPHOSPHATE 'C10 H15 N2 O8 P'
PQ3 non-polymer N2,N9-bis(1-methylquinolin-3-yl)-1,10-phenanthroline-2,9-dicarboxamide 'C34 H26 N6 O2 2'
THM DNA OH 5 prime terminus THYMIDINE 'C10 H14 N2 O5'
#
# COMPACT_ATOMS: atom_id res chain seq x y z
O5' THM A 1 0.45 11.96 -9.32
C5' THM A 1 1.78 11.64 -8.93
C4' THM A 1 1.98 10.14 -8.63
O4' THM A 1 1.08 9.70 -7.63
C3' THM A 1 1.72 9.23 -9.82
O3' THM A 1 2.85 9.16 -10.69
C2' THM A 1 1.42 7.90 -9.14
C1' THM A 1 0.99 8.29 -7.71
N1 THM A 1 -0.39 7.84 -7.35
C2 THM A 1 -0.53 6.96 -6.28
O2 THM A 1 0.40 6.62 -5.54
N3 THM A 1 -1.78 6.43 -6.05
C4 THM A 1 -2.92 6.75 -6.76
O4 THM A 1 -3.97 6.17 -6.47
C5 THM A 1 -2.73 7.73 -7.82
C5M THM A 1 -3.91 8.18 -8.66
C6 THM A 1 -1.50 8.24 -8.08
HO5' THM A 1 -0.16 11.73 -8.60
H5'1 THM A 1 2.05 12.21 -8.04
H5'2 THM A 1 2.47 11.93 -9.72
H4' THM A 1 3.01 9.99 -8.28
H3' THM A 1 0.84 9.60 -10.37
H2'1 THM A 1 0.65 7.34 -9.68
H2'2 THM A 1 2.32 7.29 -9.09
H1' THM A 1 1.72 7.84 -7.02
HN3 THM A 1 -1.86 5.73 -5.34
HM51 THM A 1 -4.36 7.31 -9.15
HM52 THM A 1 -3.61 8.90 -9.43
HM53 THM A 1 -4.66 8.65 -8.03
H6 THM A 1 -1.38 8.98 -8.86
C4 PQ3 B . 5.21 0.59 6.18
C5 PQ3 B . 4.06 -0.07 5.63
C3 PQ3 B . 6.49 0.10 5.89
C2 PQ3 B . 6.62 -1.05 5.08
C17 PQ3 B . 5.43 -1.70 4.58
C17' PQ3 B . 5.56 -2.88 3.80
C2' PQ3 B . 6.88 -3.37 3.51
C1 PQ3 B . 7.89 -1.56 4.78
C9 PQ3 B . -1.88 2.92 7.00
C13 PQ3 B . -4.36 -1.37 5.39
C5' PQ3 B . 4.57 -4.68 2.61
C6 PQ3 B . 2.74 0.51 5.96
C1' PQ3 B . 8.02 -2.70 3.99
C3' PQ3 B . 7.02 -4.53 2.74
C4' PQ3 B . 5.88 -5.21 2.31
C6' PQ3 B . 3.43 -5.44 2.09
C12 PQ3 B . -4.82 -0.25 6.09
C7' PQ3 B . 0.91 -5.36 1.84
C16' PQ3 B . -0.22 -4.53 2.07
C15' PQ3 B . -1.52 -4.95 1.73
C10' PQ3 B . -1.78 -6.23 1.08
C8' PQ3 B . 0.66 -6.53 1.20
C14' PQ3 B . -2.63 -4.12 2.02
C11 PQ3 B . -3.92 0.75 6.49
C11' PQ3 B . -3.11 -6.59 0.79
C13' PQ3 B . -3.94 -4.51 1.72
C12' PQ3 B . -4.19 -5.75 1.11
C14 PQ3 B . -3.00 -1.51 5.11
C7 PQ3 B . 0.28 0.24 5.62
C8 PQ3 B . -0.20 1.38 6.17
C16 PQ3 B . -0.69 -0.74 5.23
C15 PQ3 B . -2.05 -0.52 5.48
C10 PQ3 B . -2.55 0.66 6.16
C9' PQ3 B . -0.68 -8.22 0.07
N1 PQ3 B . 4.20 -1.17 4.86
N2 PQ3 B . 1.67 -0.04 5.38
N3' PQ3 B . -0.60 -6.94 0.81
N2' PQ3 B . 2.20 -4.91 2.27
N1' PQ3 B . 4.46 -3.54 3.33
N3 PQ3 B . -1.54 1.60 6.41
O1' PQ3 B . 3.55 -6.50 1.49
O1 PQ3 B . 2.61 1.45 6.74
HH PQ3 B . 5.11 1.46 6.80
HJ PQ3 B . 7.37 0.58 6.29
HK PQ3 B . 8.78 -1.07 5.17
HI1 PQ3 B . -1.11 3.67 6.78
HI2 PQ3 B . -1.99 2.83 8.08
HI3 PQ3 B . -2.82 3.29 6.58
HE PQ3 B . -5.06 -2.15 5.08
HK' PQ3 B . 9.01 -3.10 3.78
HJ' PQ3 B . 8.01 -4.89 2.49
HH' PQ3 B . 5.99 -6.13 1.74
HF PQ3 B . -5.88 -0.15 6.33
HB' PQ3 B . -0.09 -3.56 2.53
HC' PQ3 B . 1.47 -7.20 1.00
HD' PQ3 B . -2.46 -3.15 2.48
HG PQ3 B . -4.28 1.59 7.06
HG' PQ3 B . -3.32 -7.54 0.31
HE' PQ3 B . -4.77 -3.86 1.96
HF' PQ3 B . -5.20 -6.05 0.89
HD PQ3 B . -2.65 -2.42 4.62
HC PQ3 B . 0.48 2.17 6.43
HB PQ3 B . -0.36 -1.65 4.76
HI2' PQ3 B . -1.12 -8.05 -0.92
HI3' PQ3 B . -1.32 -8.93 0.61
HI1' PQ3 B . 0.29 -8.68 -0.07
HA PQ3 B . 1.84 -0.82 4.76
HA' PQ3 B . 2.17 -4.03 2.78
O5' THM A 1 0.49 12.23 -4.53
C5' THM A 1 1.72 11.66 -4.09
C4' THM A 1 2.05 10.33 -4.80
O4' THM A 1 1.05 9.36 -4.53
C3' THM A 1 2.13 10.48 -6.34
O3' THM A 1 3.39 10.05 -6.85
C2' THM A 1 1.04 9.54 -6.84
C1' THM A 1 0.94 8.55 -5.67
N1 THM A 1 -0.32 7.74 -5.71
C2 THM A 1 -0.20 6.41 -6.14
O2 THM A 1 0.87 5.84 -6.27
N3 THM A 1 -1.36 5.75 -6.45
C4 THM A 1 -2.63 6.27 -6.34
O4 THM A 1 -3.58 5.58 -6.72
C5 THM A 1 -2.70 7.62 -5.78
C5M THM A 1 -4.05 8.28 -5.52
C6 THM A 1 -1.56 8.31 -5.48
HO5' THM A 1 -0.24 11.61 -4.31
H5'1 THM A 1 1.68 11.48 -3.02
H5'2 THM A 1 2.52 12.36 -4.29
H4' THM A 1 3.02 9.97 -4.44
H3' THM A 1 1.92 11.51 -6.64
H2'1 THM A 1 0.11 10.09 -6.98
H2'2 THM A 1 1.32 9.03 -7.77
H1' THM A 1 1.81 7.89 -5.73
HN3 THM A 1 -1.27 4.81 -6.79
HM51 THM A 1 -4.60 8.34 -6.46
HM52 THM A 1 -3.93 9.28 -5.11
HM53 THM A 1 -4.62 7.66 -4.82
H6 THM A 1 -1.62 9.30 -5.07
C4 PQ3 B . 5.65 0.16 5.82
C5 PQ3 B . 4.42 -0.48 5.41
C3 PQ3 B . 6.88 -0.41 5.48
C2 PQ3 B . 6.89 -1.60 4.74
C17 PQ3 B . 5.65 -2.22 4.36
C17' PQ3 B . 5.67 -3.44 3.62
C2' PQ3 B . 6.95 -4.00 3.26
C1 PQ3 B . 8.13 -2.17 4.36
C9 PQ3 B . -1.23 2.96 6.99
C13 PQ3 B . -4.13 -1.00 5.25
C5' PQ3 B . 4.54 -5.24 2.57
C6 PQ3 B . 3.17 0.19 5.78
C1' PQ3 B . 8.15 -3.36 3.63
C3' PQ3 B . 6.99 -5.20 2.54
C4' PQ3 B . 5.80 -5.84 2.21
C6' PQ3 B . 3.32 -5.93 2.10
C12 PQ3 B . -4.49 0.21 5.86
C7' PQ3 B . 0.82 -5.71 1.93
C16' PQ3 B . -0.27 -4.83 2.19
C15' PQ3 B . -1.59 -5.18 1.86
C10' PQ3 B . -1.93 -6.43 1.21
C8' PQ3 B . 0.49 -6.87 1.28
C14' PQ3 B . -2.64 -4.30 2.19
C11 PQ3 B . -3.49 1.10 6.27
C11' PQ3 B . -3.29 -6.72 0.95
C13' PQ3 B . -3.98 -4.61 1.92
C12' PQ3 B . -4.31 -5.83 1.30
C14 PQ3 B . -2.77 -1.32 5.05
C7 PQ3 B . 0.67 0.07 5.61
C8 PQ3 B . 0.29 1.24 6.16
C16 PQ3 B . -0.40 -0.80 5.23
C15 PQ3 B . -1.75 -0.43 5.43
C10 PQ3 B . -2.13 0.82 6.06
C9' PQ3 B . -0.94 -8.43 0.09
N1 PQ3 B . 4.46 -1.64 4.71
N2 PQ3 B . 2.01 -0.35 5.37
N3' PQ3 B . -0.79 -7.19 0.88
N2' PQ3 B . 2.14 -5.34 2.34
N1' PQ3 B . 4.52 -4.07 3.25
N3 PQ3 B . -1.02 1.62 6.38
O1' PQ3 B . 3.37 -7.00 1.50
O1 PQ3 B . 3.16 1.21 6.46
HH PQ3 B . 5.63 1.07 6.39
HJ PQ3 B . 7.80 0.07 5.78
HK PQ3 B . 9.05 -1.70 4.65
HI1 PQ3 B . -1.97 3.52 6.40
HI2 PQ3 B . -0.31 3.55 7.01
HI3 PQ3 B . -1.60 2.85 8.01
HE PQ3 B . -4.90 -1.69 4.92
HK' PQ3 B . 9.11 -3.79 3.35
HJ' PQ3 B . 7.94 -5.65 2.25
HH' PQ3 B . 5.83 -6.79 1.68
HF PQ3 B . -5.54 0.44 6.02
HB' PQ3 B . -0.07 -3.88 2.67
HC' PQ3 B . 1.26 -7.58 1.05
HD' PQ3 B . -2.42 -3.35 2.65
HG PQ3 B . -3.77 2.02 6.77
HG' PQ3 B . -3.56 -7.66 0.47
HE' PQ3 B . -4.78 -3.91 2.18
HF' PQ3 B . -5.35 -6.07 1.10
HD PQ3 B . -2.52 -2.27 4.61
HC PQ3 B . 1.05 1.97 6.45
HB PQ3 B . -0.17 -1.75 4.77
HI2' PQ3 B . 0.02 -8.74 -0.35
HI3' PQ3 B . -1.64 -8.26 -0.74
HI1' PQ3 B . -1.32 -9.23 0.71
HA PQ3 B . 2.10 -1.20 4.82
HA' PQ3 B . 2.18 -4.47 2.86
O5' THM A 1 -3.90 5.50 -12.25
C5' THM A 1 -3.88 4.08 -12.08
C4' THM A 1 -2.44 3.51 -12.07
O4' THM A 1 -1.65 4.10 -11.04
C3' THM A 1 -2.46 2.00 -11.75
O3' THM A 1 -1.35 1.28 -12.28
C2' THM A 1 -2.42 2.00 -10.21
C1' THM A 1 -1.49 3.19 -9.96
N1 THM A 1 -1.67 3.90 -8.67
C2 THM A 1 -0.65 3.78 -7.72
O2 THM A 1 0.32 3.04 -7.85
N3 THM A 1 -0.75 4.57 -6.59
C4 THM A 1 -1.75 5.49 -6.35
O4 THM A 1 -1.69 6.16 -5.33
C5 THM A 1 -2.79 5.55 -7.36
C5M THM A 1 -3.94 6.52 -7.21
C6 THM A 1 -2.73 4.77 -8.47
HO5' THM A 1 -3.50 5.74 -13.12
H5'1 THM A 1 -4.42 3.60 -12.90
H5'2 THM A 1 -4.38 3.82 -11.15
H4' THM A 1 -2.00 3.69 -13.04
H3' THM A 1 -3.39 1.54 -12.10
H2'1 THM A 1 -3.40 2.17 -9.80
H2'2 THM A 1 -1.99 1.07 -9.82
H1' THM A 1 -0.48 2.79 -10.02
HN3 THM A 1 -0.03 4.46 -5.89
HM51 THM A 1 -3.55 7.53 -7.08
HM52 THM A 1 -4.53 6.27 -6.33
HM53 THM A 1 -4.60 6.51 -8.09
H6 THM A 1 -3.48 4.86 -9.24
C4 PQ3 B . 5.21 0.25 5.39
C5 PQ3 B . 3.97 -0.42 5.11
C3 PQ3 B . 6.42 -0.36 5.05
C2 PQ3 B . 6.41 -1.62 4.44
C17 PQ3 B . 5.14 -2.25 4.16
C17' PQ3 B . 5.13 -3.52 3.51
C2' PQ3 B . 6.38 -4.12 3.14
C1 PQ3 B . 7.62 -2.24 4.09
C9 PQ3 B . -1.58 2.85 7.27
C13 PQ3 B . -4.59 -0.94 5.26
C5' PQ3 B . 3.93 -5.34 2.57
C6 PQ3 B . 2.73 0.27 5.50
C1' PQ3 B . 7.61 -3.48 3.45
C3' PQ3 B . 6.38 -5.34 2.45
C4' PQ3 B . 5.17 -5.97 2.17
C6' PQ3 B . 2.68 -6.04 2.20
C12 PQ3 B . -4.93 0.22 5.96
C7' PQ3 B . 0.18 -5.81 2.13
C16' PQ3 B . -0.87 -4.86 2.33
C15' PQ3 B . -2.21 -5.18 2.01
C10' PQ3 B . -2.60 -6.46 1.47
C8' PQ3 B . -0.20 -7.00 1.63
C14' PQ3 B . -3.21 -4.21 2.21
C11 PQ3 B . -3.92 1.07 6.43
C11' PQ3 B . -3.96 -6.71 1.21
C13' PQ3 B . -4.56 -4.48 1.95
C12' PQ3 B . -4.94 -5.74 1.45
C14 PQ3 B . -3.24 -1.25 5.03
C7 PQ3 B . 0.23 0.06 5.60
C8 PQ3 B . -0.12 1.18 6.28
C16 PQ3 B . -0.86 -0.76 5.18
C15 PQ3 B . -2.20 -0.40 5.47
C10 PQ3 B . -2.55 0.80 6.18
C9' PQ3 B . -1.70 -8.62 0.59
N1 PQ3 B . 3.98 -1.65 4.52
N2 PQ3 B . 1.56 -0.36 5.29
N3' PQ3 B . -1.49 -7.30 1.26
N2' PQ3 B . 1.52 -5.44 2.48
N1' PQ3 B . 3.95 -4.15 3.21
N3 PQ3 B . -1.42 1.55 6.55
O1' PQ3 B . 2.70 -7.14 1.63
O1 PQ3 B . 2.75 1.38 6.01
HH PQ3 B . 5.22 1.23 5.86
HJ PQ3 B . 7.36 0.14 5.27
HK PQ3 B . 8.56 -1.77 4.30
HI1 PQ3 B . -1.59 2.67 8.34
HI2 PQ3 B . -2.52 3.35 6.98
HI3 PQ3 B . -0.77 3.54 7.02
HE PQ3 B . -5.37 -1.61 4.92
HK' PQ3 B . 8.55 -3.96 3.17
HJ' PQ3 B . 7.32 -5.79 2.15
HH' PQ3 B . 5.17 -6.91 1.65
HF PQ3 B . -5.97 0.45 6.16
HB' PQ3 B . -0.63 -3.87 2.70
HC' PQ3 B . 0.54 -7.76 1.47
HD' PQ3 B . -2.94 -3.23 2.57
HG PQ3 B . -4.20 1.96 6.98
HG' PQ3 B . -4.27 -7.67 0.83
HE' PQ3 B . -5.31 -3.72 2.12
HF' PQ3 B . -5.98 -5.95 1.25
HD PQ3 B . -3.00 -2.16 4.51
HC PQ3 B . 0.65 1.84 6.64
HB PQ3 B . -0.66 -1.67 4.63
HI2' PQ3 B . -0.76 -9.06 0.26
HI3' PQ3 B . -2.34 -8.50 -0.29
HI1' PQ3 B . -2.17 -9.32 1.29
HA PQ3 B . 1.62 -1.26 4.86
HA' PQ3 B . 1.60 -4.54 2.94
O5' THM A 1 -0.28 12.37 -5.07
C5' THM A 1 1.01 11.93 -4.66
C4' THM A 1 1.44 10.60 -5.32
O4' THM A 1 0.53 9.56 -4.99
C3' THM A 1 1.48 10.67 -6.86
O3' THM A 1 2.81 10.86 -7.33
C2' THM A 1 0.89 9.33 -7.30
C1' THM A 1 0.66 8.58 -5.99
N1 THM A 1 -0.55 7.70 -6.03
C2 THM A 1 -0.34 6.33 -6.19
O2 THM A 1 0.77 5.80 -6.12
N3 THM A 1 -1.44 5.54 -6.47
C4 THM A 1 -2.73 6.00 -6.59
O4 THM A 1 -3.61 5.19 -6.91
C5 THM A 1 -2.91 7.44 -6.34
C5M THM A 1 -4.30 8.05 -6.36
C6 THM A 1 -1.82 8.22 -6.07
HO5' THM A 1 -0.94 11.71 -4.79
H5'1 THM A 1 1.04 11.80 -3.58
H5'2 THM A 1 1.76 12.69 -4.92
H4' THM A 1 2.43 10.33 -4.96
H3' THM A 1 0.83 11.48 -7.21
H2'1 THM A 1 -0.03 9.49 -7.84
H2'2 THM A 1 1.59 8.76 -7.92
H1' THM A 1 1.55 7.97 -5.78
HN3 THM A 1 -1.28 4.56 -6.58
HM51 THM A 1 -4.68 8.04 -7.38
HM52 THM A 1 -4.27 9.07 -5.99
HM53 THM A 1 -4.95 7.46 -5.73
H6 THM A 1 -1.96 9.28 -5.88
C4 PQ3 B . 5.32 0.17 5.69
C5 PQ3 B . 4.08 -0.41 5.24
C3 PQ3 B . 6.53 -0.44 5.36
C2 PQ3 B . 6.52 -1.62 4.59
C17 PQ3 B . 5.25 -2.18 4.17
C17' PQ3 B . 5.24 -3.39 3.43
C2' PQ3 B . 6.50 -4.00 3.08
C1 PQ3 B . 7.72 -2.24 4.24
C9 PQ3 B . -1.45 3.09 6.98
C13 PQ3 B . -4.43 -0.99 5.63
C5' PQ3 B . 4.06 -5.13 2.34
C6 PQ3 B . 2.84 0.27 5.64
C1' PQ3 B . 7.73 -3.41 3.48
C3' PQ3 B . 6.51 -5.19 2.34
C4' PQ3 B . 5.30 -5.77 1.97
C6' PQ3 B . 2.82 -5.81 1.91
C12 PQ3 B . -4.74 0.15 6.38
C7' PQ3 B . 0.31 -5.59 1.89
C16' PQ3 B . -0.76 -4.69 2.21
C15' PQ3 B . -2.11 -5.05 1.96
C10' PQ3 B . -2.48 -6.31 1.37
C8' PQ3 B . -0.07 -6.76 1.32
C14' PQ3 B . -3.13 -4.13 2.31
C11 PQ3 B . -3.72 1.06 6.71
C11' PQ3 B . -3.86 -6.60 1.19
C13' PQ3 B . -4.48 -4.45 2.12
C12' PQ3 B . -4.85 -5.69 1.57
C14 PQ3 B . -3.11 -1.24 5.24
C7 PQ3 B . 0.34 0.20 5.51
C8 PQ3 B . 0.00 1.38 6.09
C16 PQ3 B . -0.75 -0.67 5.19
C15 PQ3 B . -2.07 -0.34 5.55
C10 PQ3 B . -2.40 0.87 6.27
C9' PQ3 B . -1.59 -8.36 0.27
N1 PQ3 B . 4.08 -1.55 4.51
N2 PQ3 B . 1.67 -0.20 5.18
N3' PQ3 B . -1.38 -7.10 1.02
N2' PQ3 B . 1.64 -5.20 2.20
N1' PQ3 B . 4.08 -3.97 3.03
N3 PQ3 B . -1.29 1.72 6.42
O1' PQ3 B . 2.82 -6.88 1.32
O1 PQ3 B . 2.86 1.26 6.37
HH PQ3 B . 5.31 1.07 6.28
HJ PQ3 B . 7.45 -0.02 5.70
HK PQ3 B . 8.67 -1.81 4.56
HI1 PQ3 B . -2.49 3.40 7.00
HI2 PQ3 B . -0.91 3.81 6.36
HI3 PQ3 B . -1.05 3.13 8.00
HE PQ3 B . -5.22 -1.70 5.38
HK' PQ3 B . 8.66 -3.89 3.23
HJ' PQ3 B . 7.45 -5.66 2.06
HH' PQ3 B . 5.29 -6.70 1.43
HF PQ3 B . -5.76 0.33 6.70
HB' PQ3 B . -0.52 -3.73 2.65
HC' PQ3 B . 0.68 -7.48 1.04
HD' PQ3 B . -2.87 -3.17 2.71
HG PQ3 B . -3.97 1.92 7.32
HG' PQ3 B . -4.16 -7.55 0.77
HE' PQ3 B . -5.26 -3.73 2.39
HF' PQ3 B . -5.90 -5.93 1.43
HD PQ3 B . -2.89 -2.16 4.72
HC PQ3 B . 0.77 2.11 6.31
HB PQ3 B . -0.54 -1.61 4.69
HI2' PQ3 B . -2.11 -8.15 -0.66
HI3' PQ3 B . -2.20 -9.04 0.87
HI1' PQ3 B . -0.65 -8.86 0.03
HA PQ3 B . 1.73 -1.01 4.58
HA' PQ3 B . 1.73 -4.32 2.68
O5' THM A 1 -2.67 8.06 -12.73
C5' THM A 1 -2.55 7.21 -11.59
C4' THM A 1 -1.10 6.74 -11.38
O4' THM A 1 -1.00 5.94 -10.20
C3' THM A 1 -0.60 5.84 -12.52
O3' THM A 1 0.81 5.92 -12.68
C2' THM A 1 -1.02 4.46 -12.04
C1' THM A 1 -1.08 4.55 -10.51
N1 THM A 1 -2.34 3.92 -10.00
C2 THM A 1 -2.48 2.53 -10.14
O2 THM A 1 -1.58 1.78 -10.52
N3 THM A 1 -3.71 1.99 -9.82
C4 THM A 1 -4.80 2.69 -9.33
O4 THM A 1 -5.85 2.08 -9.14
C5 THM A 1 -4.54 4.12 -9.11
C5M THM A 1 -5.63 4.99 -8.51
C6 THM A 1 -3.35 4.67 -9.44
HO5' THM A 1 -3.60 8.37 -12.82
H5'1 THM A 1 -3.20 6.35 -11.70
H5'2 THM A 1 -2.86 7.76 -10.70
H4' THM A 1 -0.46 7.61 -11.30
H3' THM A 1 -1.11 6.09 -13.46
H2'1 THM A 1 -1.99 4.22 -12.47
H2'2 THM A 1 -0.29 3.70 -12.36
H1' THM A 1 -0.23 4.03 -10.08
HN3 THM A 1 -3.81 1.00 -9.95
HM51 THM A 1 -6.54 4.89 -9.10
HM52 THM A 1 -5.33 6.05 -8.50
HM53 THM A 1 -5.83 4.67 -7.50
H6 THM A 1 -3.20 5.72 -9.26
C4 PQ3 B . 5.29 0.43 6.06
C5 PQ3 B . 4.09 -0.21 5.56
C3 PQ3 B . 6.55 -0.13 5.76
C2 PQ3 B . 6.61 -1.31 4.99
C17 PQ3 B . 5.38 -1.92 4.54
C17' PQ3 B . 5.44 -3.12 3.78
C2' PQ3 B . 6.74 -3.67 3.48
C1 PQ3 B . 7.85 -1.88 4.69
C9 PQ3 B . -1.73 3.00 6.96
C13 PQ3 B . -4.39 -1.15 5.29
C5' PQ3 B . 4.36 -4.90 2.64
C6 PQ3 B . 2.81 0.42 5.89
C1' PQ3 B . 7.91 -3.05 3.92
C3' PQ3 B . 6.81 -4.85 2.71
C4' PQ3 B . 5.63 -5.48 2.30
C6' PQ3 B . 3.16 -5.60 2.14
C12 PQ3 B . -4.81 0.04 5.89
C7' PQ3 B . 0.65 -5.42 1.97
C16' PQ3 B . -0.43 -4.50 2.13
C15' PQ3 B . -1.75 -4.87 1.82
C10' PQ3 B . -2.09 -6.17 1.28
C8' PQ3 B . 0.31 -6.62 1.45
C14' PQ3 B . -2.79 -3.95 2.07
C11 PQ3 B . -3.87 1.00 6.29
C11' PQ3 B . -3.45 -6.48 1.04
C13' PQ3 B . -4.14 -4.28 1.82
C12' PQ3 B . -4.47 -5.55 1.30
C14 PQ3 B . -3.02 -1.39 5.10
C7 PQ3 B . 0.33 0.21 5.62
C8 PQ3 B . -0.11 1.39 6.12
C16 PQ3 B . -0.68 -0.73 5.28
C15 PQ3 B . -2.04 -0.43 5.47
C10 PQ3 B . -2.49 0.80 6.06
C9' PQ3 B . -1.12 -8.26 0.33
N1 PQ3 B . 4.17 -1.35 4.84
N2 PQ3 B . 1.70 -0.12 5.38
N3' PQ3 B . -0.96 -6.96 1.04
N2' PQ3 B . 1.96 -5.04 2.40
N1' PQ3 B . 4.31 -3.74 3.35
N3 PQ3 B . -1.43 1.68 6.36
O1' PQ3 B . 3.23 -6.65 1.50
O1 PQ3 B . 2.73 1.41 6.63
HH PQ3 B . 5.24 1.33 6.64
HJ PQ3 B . 7.45 0.34 6.13
HK PQ3 B . 8.76 -1.42 5.03
HI1 PQ3 B . -2.41 3.56 6.32
HI2 PQ3 B . -0.82 3.60 7.10
HI3 PQ3 B . -2.20 2.86 7.94
HE PQ3 B . -5.12 -1.90 5.00
HK' PQ3 B . 8.88 -3.48 3.69
HJ' PQ3 B . 7.77 -5.26 2.45
HH' PQ3 B . 5.70 -6.39 1.73
HF PQ3 B . -5.87 0.21 6.07
HB' PQ3 B . -0.22 -3.51 2.52
HC' PQ3 B . 1.08 -7.38 1.31
HD' PQ3 B . -2.57 -2.96 2.45
HG PQ3 B . -4.20 1.90 6.79
HG' PQ3 B . -3.72 -7.45 0.64
HE' PQ3 B . -4.93 -3.57 2.02
HF' PQ3 B . -5.50 -5.80 1.12
HD PQ3 B . -2.70 -2.34 4.67
HC PQ3 B . 0.61 2.16 6.36
HB PQ3 B . -0.38 -1.69 4.87
HI2' PQ3 B . -1.71 -8.11 -0.57
HI3' PQ3 B . -1.63 -8.97 0.98
HI1' PQ3 B . -0.16 -8.68 0.04
HA PQ3 B . 1.84 -0.94 4.80
HA' PQ3 B . 1.99 -4.17 2.92
O5' THM A 1 -5.10 3.93 -11.60
C5' THM A 1 -4.12 4.10 -12.63
C4' THM A 1 -2.76 3.45 -12.33
O4' THM A 1 -2.12 4.08 -11.24
C3' THM A 1 -2.82 1.94 -12.00
O3' THM A 1 -1.73 1.18 -12.50
C2' THM A 1 -2.79 1.93 -10.46
C1' THM A 1 -1.91 3.15 -10.19
N1 THM A 1 -2.09 3.83 -8.88
C2 THM A 1 -1.03 3.80 -7.98
O2 THM A 1 -0.04 3.09 -8.13
N3 THM A 1 -1.10 4.63 -6.88
C4 THM A 1 -2.14 5.50 -6.61
O4 THM A 1 -2.05 6.22 -5.63
C5 THM A 1 -3.25 5.43 -7.55
C5M THM A 1 -4.48 6.31 -7.34
C6 THM A 1 -3.21 4.62 -8.64
HO5' THM A 1 -5.57 3.08 -11.73
H5'1 THM A 1 -3.95 5.16 -12.78
H5'2 THM A 1 -4.50 3.68 -13.57
H4' THM A 1 -2.14 3.60 -13.22
H3' THM A 1 -3.76 1.50 -12.35
H2'1 THM A 1 -3.80 2.05 -10.06
H2'2 THM A 1 -2.34 1.02 -10.08
H1' THM A 1 -0.87 2.79 -10.26
HN3 THM A 1 -0.35 4.58 -6.22
HM51 THM A 1 -4.21 7.35 -7.45
HM52 THM A 1 -4.87 6.15 -6.33
HM53 THM A 1 -5.27 6.05 -8.05
H6 THM A 1 -4.02 4.63 -9.35
C4 PQ3 B . 5.03 0.30 5.93
C5 PQ3 B . 3.82 -0.28 5.43
C3 PQ3 B . 6.27 -0.23 5.57
C2 PQ3 B . 6.32 -1.36 4.73
C17 PQ3 B . 5.07 -1.94 4.29
C17' PQ3 B . 5.12 -3.13 3.50
C2' PQ3 B . 6.40 -3.67 3.14
C1 PQ3 B . 7.55 -1.92 4.37
C9 PQ3 B . -1.84 3.08 7.03
C13 PQ3 B . -4.71 -0.90 5.27
C5' PQ3 B . 3.99 -4.90 2.38
C6 PQ3 B . 2.56 0.34 5.83
C1' PQ3 B . 7.59 -3.06 3.55
C3' PQ3 B . 6.45 -4.84 2.35
C4' PQ3 B . 5.26 -5.47 1.98
C6' PQ3 B . 2.76 -5.61 1.97
C12 PQ3 B . -5.08 0.32 5.86
C7' PQ3 B . 0.26 -5.48 2.06
C16' PQ3 B . -0.81 -4.56 2.25
C15' PQ3 B . -2.15 -4.94 2.00
C10' PQ3 B . -2.52 -6.25 1.53
C8' PQ3 B . -0.10 -6.72 1.62
C14' PQ3 B . -3.17 -3.99 2.22
C11 PQ3 B . -4.09 1.23 6.26
C11' PQ3 B . -3.88 -6.55 1.31
C13' PQ3 B . -4.52 -4.31 2.02
C12' PQ3 B . -4.88 -5.58 1.56
C14 PQ3 B . -3.35 -1.22 5.10
C7 PQ3 B . 0.07 0.24 5.58
C8 PQ3 B . -0.31 1.42 6.12
C16 PQ3 B . -0.99 -0.67 5.25
C15 PQ3 B . -2.33 -0.31 5.47
C10 PQ3 B . -2.72 0.95 6.07
C9' PQ3 B . -1.56 -8.43 0.72
N1 PQ3 B . 3.88 -1.37 4.62
N2 PQ3 B . 1.42 -0.14 5.31
N3' PQ3 B . -1.40 -7.08 1.32
N2' PQ3 B . 1.59 -5.07 2.36
N1' PQ3 B . 3.97 -3.75 3.11
N3 PQ3 B . -1.62 1.76 6.39
O1' PQ3 B . 2.79 -6.63 1.30
O1 PQ3 B . 2.51 1.27 6.65
HH PQ3 B . 5.00 1.15 6.60
HJ PQ3 B . 7.19 0.21 5.96
HK PQ3 B . 8.47 -1.48 4.71
HI1 PQ3 B . -2.35 2.94 8.00
HI2 PQ3 B . -2.46 3.70 6.40
HI3 PQ3 B . -0.90 3.60 7.22
HE PQ3 B . -5.48 -1.61 4.98
HK' PQ3 B . 8.55 -3.49 3.29
HJ' PQ3 B . 7.40 -5.26 2.05
HH' PQ3 B . 5.28 -6.38 1.40
HF PQ3 B . -6.13 0.56 6.01
HB' PQ3 B . -0.58 -3.56 2.58
HC' PQ3 B . 0.67 -7.46 1.47
HD' PQ3 B . -2.91 -2.99 2.55
HG PQ3 B . -4.38 2.15 6.75
HG' PQ3 B . -4.18 -7.52 0.96
HE' PQ3 B . -5.29 -3.57 2.19
HF' PQ3 B . -5.92 -5.83 1.41
HD PQ3 B . -3.09 -2.17 4.67
HC PQ3 B . 0.45 2.15 6.35
HB PQ3 B . -0.75 -1.62 4.82
HI2' PQ3 B . -2.50 -8.89 1.02
HI3' PQ3 B . -0.76 -9.11 1.03
HI1' PQ3 B . -1.55 -8.35 -0.37
HA PQ3 B . 1.52 -0.92 4.67
HA' PQ3 B . 1.66 -4.23 2.89
O5' THM A 1 -2.22 6.78 -11.01
C5' THM A 1 -2.12 5.78 -12.03
C4' THM A 1 -0.79 5.04 -11.98
O4' THM A 1 -0.58 4.42 -10.70
C3' THM A 1 -0.67 3.95 -13.05
O3' THM A 1 0.43 4.15 -13.92
C2' THM A 1 -0.41 2.66 -12.28
C1' THM A 1 -0.61 2.99 -10.79
N1 THM A 1 -1.89 2.41 -10.27
C2 THM A 1 -1.99 1.00 -10.19
O2 THM A 1 -1.05 0.24 -10.43
N3 THM A 1 -3.21 0.48 -9.87
C4 THM A 1 -4.33 1.22 -9.51
O4 THM A 1 -5.38 0.61 -9.27
C5 THM A 1 -4.12 2.65 -9.45
C5M THM A 1 -5.23 3.58 -8.98
C6 THM A 1 -2.93 3.20 -9.81
HO5' THM A 1 -1.86 6.43 -10.18
H5'1 THM A 1 -2.22 6.26 -13.01
H5'2 THM A 1 -2.94 5.07 -11.94
H4' THM A 1 0.01 5.77 -12.14
H3' THM A 1 -1.61 3.85 -13.61
H2'1 THM A 1 -1.08 1.88 -12.62
H2'2 THM A 1 0.62 2.33 -12.42
H1' THM A 1 0.21 2.58 -10.22
HN3 THM A 1 -3.29 -0.51 -9.84
HM51 THM A 1 -6.08 3.49 -9.65
HM52 THM A 1 -4.90 4.62 -8.95
HM53 THM A 1 -5.55 3.29 -7.98
H6 THM A 1 -2.79 4.27 -9.75
C4 PQ3 B . 4.98 0.30 5.78
C5 PQ3 B . 3.75 -0.33 5.36
C3 PQ3 B . 6.21 -0.22 5.39
C2 PQ3 B . 6.23 -1.38 4.60
C17 PQ3 B . 4.98 -2.00 4.21
C17' PQ3 B . 5.02 -3.20 3.44
C2' PQ3 B . 6.30 -3.72 3.03
C1 PQ3 B . 7.47 -1.93 4.18
C9 PQ3 B . -1.91 2.90 7.27
C13 PQ3 B . -4.78 -0.95 5.17
C5' PQ3 B . 3.89 -4.98 2.34
C6 PQ3 B . 2.50 0.31 5.81
C1' PQ3 B . 7.49 -3.08 3.40
C3' PQ3 B . 6.34 -4.89 2.25
C4' PQ3 B . 5.15 -5.54 1.91
C6' PQ3 B . 2.67 -5.71 1.94
C12 PQ3 B . -5.15 0.09 6.03
C7' PQ3 B . 0.17 -5.67 2.02
C16' PQ3 B . -0.93 -4.77 2.20
C15' PQ3 B . -2.25 -5.20 1.94
C10' PQ3 B . -2.58 -6.52 1.45
C8' PQ3 B . -0.14 -6.90 1.55
C14' PQ3 B . -3.31 -4.29 2.16
C11 PQ3 B . -4.17 0.93 6.57
C11' PQ3 B . -3.94 -6.87 1.27
C13' PQ3 B . -4.65 -4.66 1.98
C12' PQ3 B . -4.96 -5.96 1.53
C14 PQ3 B . -3.42 -1.16 4.86
C7 PQ3 B . -0.01 0.16 5.64
C8 PQ3 B . -0.39 1.25 6.36
C16 PQ3 B . -1.07 -0.62 5.10
C15 PQ3 B . -2.41 -0.31 5.38
C10 PQ3 B . -2.80 0.78 6.23
C9' PQ3 B . -1.52 -8.62 0.54
N1 PQ3 B . 3.80 -1.45 4.60
N2 PQ3 B . 1.35 -0.22 5.37
N3' PQ3 B . -1.43 -7.31 1.23
N2' PQ3 B . 1.49 -5.21 2.32
N1' PQ3 B . 3.87 -3.84 3.08
N3 PQ3 B . -1.71 1.59 6.60
O1' PQ3 B . 2.73 -6.73 1.24
O1 PQ3 B . 2.49 1.28 6.54
HH PQ3 B . 4.96 1.19 6.40
HJ PQ3 B . 7.12 0.25 5.70
HK PQ3 B . 8.39 -1.44 4.47
HI1 PQ3 B . -2.95 3.20 7.27
HI2 PQ3 B . -1.35 3.68 6.73
HI3 PQ3 B . -1.56 2.84 8.30
HE PQ3 B . -5.53 -1.61 4.75
HK' PQ3 B . 8.45 -3.50 3.09
HJ' PQ3 B . 7.29 -5.29 1.92
HH' PQ3 B . 5.18 -6.45 1.33
HF PQ3 B . -6.20 0.22 6.30
HB' PQ3 B . -0.74 -3.77 2.55
HC' PQ3 B . 0.64 -7.62 1.40
HD' PQ3 B . -3.09 -3.28 2.49
HG PQ3 B . -4.46 1.70 7.27
HG' PQ3 B . -4.21 -7.85 0.92
HE' PQ3 B . -5.45 -3.95 2.16
HF' PQ3 B . -6.00 -6.24 1.39
HD PQ3 B . -3.16 -1.98 4.23
HC PQ3 B . 0.35 1.91 6.76
HB PQ3 B . -0.83 -1.48 4.49
HI2' PQ3 B . -2.48 -9.09 0.73
HI3' PQ3 B . -0.76 -9.30 0.91
HI1' PQ3 B . -1.39 -8.49 -0.54
HA PQ3 B . 1.43 -1.03 4.77
HA' PQ3 B . 1.53 -4.37 2.87
O5' THM A 1 0.01 12.10 -5.02
C5' THM A 1 1.29 11.55 -4.69
C4' THM A 1 1.60 10.24 -5.43
O4' THM A 1 0.68 9.23 -5.09
C3' THM A 1 1.56 10.40 -6.97
O3' THM A 1 2.84 10.18 -7.54
C2' THM A 1 0.60 9.30 -7.41
C1' THM A 1 0.57 8.37 -6.20
N1 THM A 1 -0.66 7.53 -6.16
C2 THM A 1 -0.56 6.20 -6.56
O2 THM A 1 0.52 5.64 -6.76
N3 THM A 1 -1.73 5.51 -6.79
C4 THM A 1 -3.00 6.02 -6.64
O4 THM A 1 -3.95 5.30 -6.95
C5 THM A 1 -3.06 7.39 -6.13
C5M THM A 1 -4.39 8.06 -5.82
C6 THM A 1 -1.91 8.09 -5.89
HO5' THM A 1 -0.68 11.47 -4.76
H5'1 THM A 1 1.34 11.36 -3.62
H5'2 THM A 1 2.06 12.28 -4.93
H4' THM A 1 2.60 9.92 -5.16
H3' THM A 1 1.17 11.39 -7.25
H2'1 THM A 1 -0.38 9.73 -7.62
H2'2 THM A 1 0.96 8.77 -8.30
H1' THM A 1 1.46 7.72 -6.25
HN3 THM A 1 -1.65 4.56 -7.08
HM51 THM A 1 -5.14 7.29 -5.61
HM52 THM A 1 -4.71 8.63 -6.69
HM53 THM A 1 -4.30 8.71 -4.94
H6 THM A 1 -1.97 9.10 -5.51
C4 PQ3 B . 5.30 0.54 5.74
C5 PQ3 B . 4.09 -0.10 5.27
C3 PQ3 B . 6.54 -0.03 5.44
C2 PQ3 B . 6.59 -1.22 4.69
C17 PQ3 B . 5.35 -1.83 4.26
C17' PQ3 B . 5.40 -3.07 3.55
C2' PQ3 B . 6.70 -3.63 3.24
C1 PQ3 B . 7.83 -1.80 4.37
C9 PQ3 B . -1.62 3.29 6.67
C13 PQ3 B . -4.40 -0.91 5.28
C5' PQ3 B . 4.30 -4.91 2.54
C6 PQ3 B . 2.82 0.56 5.61
C1' PQ3 B . 7.88 -2.99 3.64
C3' PQ3 B . 6.75 -4.85 2.54
C4' PQ3 B . 5.57 -5.52 2.22
C6' PQ3 B . 3.10 -5.66 2.14
C12 PQ3 B . -4.78 0.28 5.93
C7' PQ3 B . 0.63 -5.49 1.79
C16' PQ3 B . -0.52 -4.77 2.24
C15' PQ3 B . -1.82 -5.22 1.91
C10' PQ3 B . -2.07 -6.41 1.12
C8' PQ3 B . 0.39 -6.56 0.99
C14' PQ3 B . -2.93 -4.49 2.40
C11 PQ3 B . -3.81 1.24 6.26
C11' PQ3 B . -3.40 -6.83 0.92
C13' PQ3 B . -4.25 -4.92 2.16
C12' PQ3 B . -4.48 -6.10 1.44
C14 PQ3 B . -3.06 -1.15 5.01
C7 PQ3 B . 0.34 0.41 5.37
C8 PQ3 B . -0.06 1.60 5.87
C16 PQ3 B . -0.70 -0.52 5.05
C15 PQ3 B . -2.05 -0.20 5.32
C10 PQ3 B . -2.45 1.04 5.94
C9' PQ3 B . -0.95 -8.13 -0.30
N1 PQ3 B . 4.16 -1.25 4.55
N2 PQ3 B . 1.69 0.05 5.10
N3' PQ3 B . -0.87 -6.98 0.64
N2' PQ3 B . 1.92 -5.02 2.17
N1' PQ3 B . 4.26 -3.70 3.16
N3 PQ3 B . -1.38 1.92 6.14
O1' PQ3 B . 3.16 -6.83 1.76
O1 PQ3 B . 2.77 1.56 6.33
HH PQ3 B . 5.26 1.45 6.31
HJ PQ3 B . 7.46 0.44 5.77
HK PQ3 B . 8.75 -1.33 4.69
HI1 PQ3 B . -0.78 3.94 6.51
HI2 PQ3 B . -1.83 3.22 7.75
HI3 PQ3 B . -2.50 3.73 6.19
HE PQ3 B . -5.15 -1.64 5.04
HK' PQ3 B . 8.84 -3.44 3.41
HJ' PQ3 B . 7.70 -5.27 2.26
HH' PQ3 B . 5.62 -6.47 1.72
HF PQ3 B . -5.83 0.46 6.17
HB' PQ3 B . -0.39 -3.89 2.85
HC' PQ3 B . 1.22 -7.09 0.56
HD' PQ3 B . -2.77 -3.58 2.96
HG PQ3 B . -4.11 2.14 6.77
HG' PQ3 B . -3.60 -7.73 0.35
HE' PQ3 B . -5.08 -4.35 2.55
HF' PQ3 B . -5.50 -6.45 1.28
HD PQ3 B . -2.77 -2.09 4.55
HC PQ3 B . 0.67 2.36 6.09
HB PQ3 B . -0.44 -1.47 4.62
HI2' PQ3 B . -1.43 -8.99 0.19
HI3' PQ3 B . 0.03 -8.44 -0.64
HI1' PQ3 B . -1.56 -7.85 -1.17
HA PQ3 B . 1.81 -0.77 4.52
HA' PQ3 B . 1.94 -4.07 2.51
O5' THM A 1 -2.99 4.88 -14.51
C5' THM A 1 -2.71 5.48 -13.24
C4' THM A 1 -2.00 4.52 -12.27
O4' THM A 1 -1.86 5.15 -11.02
C3' THM A 1 -2.77 3.20 -12.01
O3' THM A 1 -2.42 2.01 -12.75
C2' THM A 1 -2.51 2.93 -10.52
C1' THM A 1 -1.74 4.15 -10.03
N1 THM A 1 -2.19 4.69 -8.72
C2 THM A 1 -1.37 4.48 -7.61
O2 THM A 1 -0.46 3.64 -7.59
N3 THM A 1 -1.58 5.27 -6.51
C4 THM A 1 -2.60 6.20 -6.38
O4 THM A 1 -2.64 6.89 -5.36
C5 THM A 1 -3.53 6.24 -7.52
C5M THM A 1 -4.74 7.16 -7.46
C6 THM A 1 -3.30 5.50 -8.63
HO5' THM A 1 -2.31 4.19 -14.69
H5'1 THM A 1 -3.64 5.80 -12.77
H5'2 THM A 1 -2.08 6.35 -13.38
H4' THM A 1 -0.98 4.33 -12.64
H3' THM A 1 -3.83 3.39 -12.14
H2'1 THM A 1 -3.46 2.81 -9.99
H2'2 THM A 1 -1.88 2.04 -10.39
H1' THM A 1 -0.69 3.84 -9.95
HN3 THM A 1 -0.93 5.20 -5.76
HM51 THM A 1 -5.34 7.07 -8.36
HM52 THM A 1 -4.41 8.19 -7.34
HM53 THM A 1 -5.36 6.90 -6.60
H6 THM A 1 -3.96 5.58 -9.48
C4 PQ3 B . 5.44 0.20 5.44
C5 PQ3 B . 4.18 -0.42 5.13
C3 PQ3 B . 6.64 -0.46 5.10
C2 PQ3 B . 6.58 -1.71 4.47
C17 PQ3 B . 5.30 -2.28 4.16
C17' PQ3 B . 5.25 -3.54 3.49
C2' PQ3 B . 6.49 -4.18 3.14
C1 PQ3 B . 7.77 -2.37 4.12
C9 PQ3 B . -1.37 2.88 7.32
C13 PQ3 B . -4.34 -1.02 5.51
C5' PQ3 B . 3.99 -5.29 2.49
C6 PQ3 B . 2.96 0.28 5.54
C1' PQ3 B . 7.73 -3.60 3.47
C3' PQ3 B . 6.44 -5.41 2.44
C4' PQ3 B . 5.20 -5.97 2.13
C6' PQ3 B . 2.72 -5.91 2.08
C12 PQ3 B . -4.68 0.13 6.25
C7' PQ3 B . 0.23 -5.57 2.00
C16' PQ3 B . -0.77 -4.57 2.18
C15' PQ3 B . -2.13 -4.85 1.90
C10' PQ3 B . -2.58 -6.12 1.38
C8' PQ3 B . -0.20 -6.75 1.50
C14' PQ3 B . -3.10 -3.85 2.14
C11 PQ3 B . -3.66 1.01 6.66
C11' PQ3 B . -3.96 -6.35 1.18
C13' PQ3 B . -4.47 -4.09 1.92
C12' PQ3 B . -4.89 -5.34 1.45
C14 PQ3 B . -3.01 -1.28 5.19
C7 PQ3 B . 0.45 0.09 5.64
C8 PQ3 B . 0.12 1.21 6.32
C16 PQ3 B . -0.63 -0.74 5.25
C15 PQ3 B . -1.97 -0.42 5.59
C10 PQ3 B . -2.31 0.77 6.33
C9' PQ3 B . -1.76 -8.29 0.43
N1 PQ3 B . 4.15 -1.64 4.52
N2 PQ3 B . 1.78 -0.32 5.31
N3' PQ3 B . -1.51 -7.00 1.12
N2' PQ3 B . 1.58 -5.26 2.35
N1' PQ3 B . 4.05 -4.10 3.15
N3 PQ3 B . -1.18 1.56 6.63
O1' PQ3 B . 2.69 -7.00 1.49
O1 PQ3 B . 3.00 1.40 6.07
HH PQ3 B . 5.48 1.17 5.92
HJ PQ3 B . 7.58 0.01 5.34
HK PQ3 B . 8.73 -1.93 4.37
HI1 PQ3 B . -2.17 3.43 6.84
HI2 PQ3 B . -0.47 3.48 7.29
HI3 PQ3 B . -1.64 2.69 8.37
HE PQ3 B . -5.13 -1.70 5.20
HK' PQ3 B . 8.64 -4.11 3.21
HJ' PQ3 B . 7.36 -5.90 2.16
HH' PQ3 B . 5.17 -6.92 1.61
HF PQ3 B . -5.71 0.32 6.52
HB' PQ3 B . -0.49 -3.59 2.54
HC' PQ3 B . 0.51 -7.55 1.34
HD' PQ3 B . -2.80 -2.87 2.49
HG PQ3 B . -3.93 1.89 7.24
HG' PQ3 B . -4.30 -7.31 0.81
HE' PQ3 B . -5.20 -3.31 2.11
HF' PQ3 B . -5.95 -5.52 1.28
HD PQ3 B . -2.77 -2.19 4.65
HC PQ3 B . 0.89 1.90 6.64
HB PQ3 B . -0.43 -1.66 4.70
HI2' PQ3 B . -2.18 -9.02 1.13
HI3' PQ3 B . -0.84 -8.70 0.01
HI1' PQ3 B . -2.46 -8.14 -0.40
HA PQ3 B . 1.84 -1.20 4.84
HA' PQ3 B . 1.69 -4.37 2.82
O5' THM A 1 -4.72 4.69 -11.50
C5' THM A 1 -3.69 4.86 -12.46
C4' THM A 1 -2.36 4.15 -12.11
O4' THM A 1 -1.79 4.72 -10.95
C3' THM A 1 -2.51 2.63 -11.85
O3' THM A 1 -1.42 1.85 -12.31
C2' THM A 1 -2.60 2.56 -10.32
C1' THM A 1 -1.67 3.72 -9.94
N1 THM A 1 -1.90 4.35 -8.61
C2 THM A 1 -0.87 4.23 -7.66
O2 THM A 1 0.10 3.50 -7.81
N3 THM A 1 -0.97 5.02 -6.54
C4 THM A 1 -1.98 5.91 -6.27
O4 THM A 1 -1.92 6.58 -5.24
C5 THM A 1 -3.06 5.93 -7.26
C5M THM A 1 -4.26 6.85 -7.07
C6 THM A 1 -2.98 5.17 -8.38
HO5' THM A 1 -5.53 5.14 -11.79
H5'1 THM A 1 -3.48 5.92 -12.58
H5'2 THM A 1 -4.03 4.48 -13.42
H4' THM A 1 -1.69 4.32 -12.95
H3' THM A 1 -3.45 2.26 -12.30
H2'1 THM A 1 -3.63 2.72 -9.99
H2'2 THM A 1 -2.22 1.61 -9.94
H1' THM A 1 -0.66 3.31 -9.98
HN3 THM A 1 -0.26 4.89 -5.84
HM51 THM A 1 -5.01 6.68 -7.84
HM52 THM A 1 -3.93 7.89 -7.10
HM53 THM A 1 -4.70 6.66 -6.09
H6 THM A 1 -3.76 5.25 -9.14
C4 PQ3 B . 5.60 0.37 5.81
C5 PQ3 B . 4.37 -0.27 5.41
C3 PQ3 B . 6.82 -0.19 5.47
C2 PQ3 B . 6.85 -1.39 4.74
C17 PQ3 B . 5.60 -2.02 4.37
C17' PQ3 B . 5.64 -3.25 3.64
C2' PQ3 B . 6.92 -3.81 3.30
C1 PQ3 B . 8.08 -1.97 4.38
C9 PQ3 B . -1.37 2.90 7.21
C13 PQ3 B . -4.12 -1.16 5.46
C5' PQ3 B . 4.51 -5.06 2.61
C6 PQ3 B . 3.11 0.37 5.80
C1' PQ3 B . 8.12 -3.17 3.67
C3' PQ3 B . 6.96 -5.02 2.59
C4' PQ3 B . 5.77 -5.66 2.26
C6' PQ3 B . 3.29 -5.76 2.17
C12 PQ3 B . -4.53 0.03 6.08
C7' PQ3 B . 0.78 -5.57 2.00
C16' PQ3 B . -0.30 -4.66 2.23
C15' PQ3 B . -1.62 -5.01 1.89
C10' PQ3 B . -1.97 -6.26 1.27
C8' PQ3 B . 0.44 -6.74 1.42
C14' PQ3 B . -2.67 -4.08 2.16
C11 PQ3 B . -3.56 0.97 6.48
C11' PQ3 B . -3.32 -6.53 0.95
C13' PQ3 B . -4.00 -4.37 1.84
C12' PQ3 B . -4.33 -5.60 1.24
C14 PQ3 B . -2.76 -1.42 5.24
C7 PQ3 B . 0.61 0.15 5.68
C8 PQ3 B . 0.20 1.31 6.25
C16 PQ3 B . -0.41 -0.79 5.37
C15 PQ3 B . -1.77 -0.48 5.61
C10 PQ3 B . -2.19 0.75 6.25
C9' PQ3 B . -1.01 -8.39 0.37
N1 PQ3 B . 4.42 -1.44 4.71
N2 PQ3 B . 1.97 -0.19 5.38
N3' PQ3 B . -0.84 -7.07 1.05
N2' PQ3 B . 2.11 -5.18 2.40
N1' PQ3 B . 4.48 -3.88 3.28
N3 PQ3 B . -1.10 1.60 6.54
O1' PQ3 B . 3.34 -6.85 1.58
O1 PQ3 B . 3.08 1.38 6.49
HH PQ3 B . 5.56 1.29 6.38
HJ PQ3 B . 7.75 0.29 5.77
HK PQ3 B . 9.01 -1.50 4.68
HI1 PQ3 B . -0.45 3.45 7.40
HI2 PQ3 B . -1.88 2.74 8.16
HI3 PQ3 B . -2.00 3.52 6.57
HE PQ3 B . -4.87 -1.88 5.16
HK' PQ3 B . 9.07 -3.62 3.41
HJ' PQ3 B . 7.91 -5.47 2.31
HH' PQ3 B . 5.80 -6.61 1.74
HF PQ3 B . -5.58 0.22 6.28
HB' PQ3 B . -0.09 -3.68 2.67
HC' PQ3 B . 1.20 -7.47 1.22
HD' PQ3 B . -2.43 -3.12 2.60
HG PQ3 B . -3.87 1.87 7.00
HG' PQ3 B . -3.59 -7.46 0.47
HE' PQ3 B . -4.78 -3.65 2.06
HF' PQ3 B . -5.36 -5.82 0.99
HD PQ3 B . -2.48 -2.35 4.77
HC PQ3 B . 0.94 2.06 6.48
HB PQ3 B . -0.14 -1.73 4.92
HI2' PQ3 B . -1.83 -8.95 0.85
HI3' PQ3 B . -0.11 -9.00 0.43
HI1' PQ3 B . -1.26 -8.23 -0.68
HA PQ3 B . 2.07 -1.03 4.82
HA' PQ3 B . 2.15 -4.29 2.89
#